data_6PXC
#
_entry.id   6PXC
#
_cell.length_a   44.190
_cell.length_b   64.827
_cell.length_c   87.239
_cell.angle_alpha   90.000
_cell.angle_beta   90.000
_cell.angle_gamma   90.000
#
_symmetry.space_group_name_H-M   'I 2 2 2'
#
loop_
_entity.id
_entity.type
_entity.pdbx_description
1 polymer 'Ras GTPase-activating protein 1'
2 polymer 'phosphopeptide of p190RhoGAP'
3 water water
#
loop_
_entity_poly.entity_id
_entity_poly.type
_entity_poly.pdbx_seq_one_letter_code
_entity_poly.pdbx_strand_id
1 'polypeptide(L)'
;GSTAPPTNQWYHGKLDRTIAEERLRQAGKSGSYLIRESDRRPGSFVLSFLSQMNVVNHFRIIAMSGDYYIGGRRFSSLSD
LIGYYSHVSSLLKGEKLLYPVAPPEPVED
;
A
2 'polypeptide(L)' (ACE)EEENI(PTR)SVPHDST U
#
# COMPACT_ATOMS: atom_id res chain seq x y z
N THR A 3 6.92 -12.19 9.06
CA THR A 3 5.51 -12.51 8.99
C THR A 3 4.67 -11.41 8.38
N ALA A 4 3.80 -11.79 7.44
CA ALA A 4 2.88 -10.88 6.78
C ALA A 4 1.79 -11.71 6.10
N PRO A 5 0.56 -11.20 5.98
CA PRO A 5 -0.53 -12.01 5.39
C PRO A 5 -0.22 -12.40 3.96
N PRO A 6 -0.82 -13.48 3.46
CA PRO A 6 -0.54 -13.90 2.08
C PRO A 6 -1.04 -12.88 1.06
N THR A 7 -0.48 -12.98 -0.15
CA THR A 7 -0.72 -11.99 -1.20
C THR A 7 -2.19 -11.86 -1.54
N ASN A 8 -2.92 -12.99 -1.56
CA ASN A 8 -4.35 -12.98 -1.85
C ASN A 8 -5.14 -12.14 -0.87
N GLN A 9 -4.59 -11.85 0.30
CA GLN A 9 -5.29 -11.06 1.30
C GLN A 9 -5.13 -9.56 1.12
N TRP A 10 -4.25 -9.12 0.23
CA TRP A 10 -4.08 -7.67 0.11
C TRP A 10 -3.69 -7.18 -1.28
N TYR A 11 -3.49 -8.05 -2.28
CA TYR A 11 -3.07 -7.56 -3.60
C TYR A 11 -4.27 -7.46 -4.53
N HIS A 12 -4.41 -6.31 -5.18
CA HIS A 12 -5.58 -6.05 -5.99
C HIS A 12 -5.32 -6.00 -7.48
N GLY A 13 -4.07 -6.25 -7.91
CA GLY A 13 -3.77 -6.07 -9.31
C GLY A 13 -3.80 -4.60 -9.71
N LYS A 14 -3.94 -4.35 -11.01
CA LYS A 14 -3.95 -2.99 -11.51
C LYS A 14 -5.25 -2.31 -11.12
N LEU A 15 -5.14 -1.24 -10.34
CA LEU A 15 -6.32 -0.61 -9.76
C LEU A 15 -6.09 0.88 -9.65
N ASP A 16 -7.08 1.67 -10.07
CA ASP A 16 -6.93 3.10 -10.00
C ASP A 16 -7.19 3.62 -8.59
N ARG A 17 -6.75 4.86 -8.35
CA ARG A 17 -6.79 5.41 -7.00
C ARG A 17 -8.23 5.51 -6.48
N THR A 18 -9.18 5.85 -7.36
CA THR A 18 -10.56 6.03 -6.90
C THR A 18 -11.13 4.75 -6.34
N ILE A 19 -10.93 3.62 -7.03
CA ILE A 19 -11.48 2.37 -6.53
CA ILE A 19 -11.47 2.36 -6.53
C ILE A 19 -10.69 1.90 -5.32
N ALA A 20 -9.38 2.15 -5.31
CA ALA A 20 -8.58 1.78 -4.15
C ALA A 20 -9.11 2.45 -2.90
N GLU A 21 -9.37 3.76 -2.96
CA GLU A 21 -9.89 4.47 -1.80
C GLU A 21 -11.27 3.97 -1.42
N GLU A 22 -12.12 3.67 -2.42
CA GLU A 22 -13.43 3.12 -2.11
C GLU A 22 -13.29 1.80 -1.35
N ARG A 23 -12.40 0.92 -1.82
CA ARG A 23 -12.22 -0.36 -1.12
C ARG A 23 -11.74 -0.15 0.31
N LEU A 24 -10.85 0.82 0.54
CA LEU A 24 -10.42 1.05 1.92
C LEU A 24 -11.53 1.68 2.75
N ARG A 25 -12.37 2.53 2.17
CA ARG A 25 -13.40 3.14 3.00
C ARG A 25 -14.56 2.18 3.25
N GLN A 26 -14.74 1.19 2.38
CA GLN A 26 -15.67 0.09 2.69
C GLN A 26 -15.17 -0.70 3.89
N ALA A 27 -13.86 -0.94 3.98
CA ALA A 27 -13.29 -1.52 5.19
C ALA A 27 -13.56 -0.61 6.39
N GLY A 28 -13.22 0.67 6.26
CA GLY A 28 -13.65 1.69 7.20
C GLY A 28 -12.85 1.77 8.48
N LYS A 29 -11.84 0.92 8.66
CA LYS A 29 -11.03 0.92 9.88
C LYS A 29 -9.68 1.55 9.61
N SER A 30 -9.30 2.51 10.46
CA SER A 30 -7.94 3.03 10.43
C SER A 30 -6.94 1.89 10.53
N GLY A 31 -5.88 1.99 9.71
CA GLY A 31 -4.91 0.93 9.62
C GLY A 31 -5.17 -0.06 8.50
N SER A 32 -6.29 0.05 7.80
CA SER A 32 -6.56 -0.79 6.64
C SER A 32 -5.61 -0.45 5.49
N TYR A 33 -5.17 -1.47 4.76
CA TYR A 33 -4.27 -1.21 3.65
C TYR A 33 -4.49 -2.21 2.52
N LEU A 34 -3.98 -1.85 1.35
CA LEU A 34 -3.92 -2.78 0.23
C LEU A 34 -2.70 -2.41 -0.60
N ILE A 35 -2.29 -3.31 -1.48
CA ILE A 35 -1.28 -3.02 -2.48
C ILE A 35 -1.89 -3.25 -3.86
N ARG A 36 -1.56 -2.37 -4.79
CA ARG A 36 -2.13 -2.40 -6.13
C ARG A 36 -1.03 -2.06 -7.13
N GLU A 37 -1.20 -2.51 -8.37
CA GLU A 37 -0.41 -1.99 -9.47
C GLU A 37 -1.03 -0.66 -9.90
N SER A 38 -0.21 0.36 -10.11
CA SER A 38 -0.75 1.64 -10.56
C SER A 38 -1.26 1.55 -12.00
N ASP A 39 -2.48 2.05 -12.20
N ASP A 39 -2.49 2.03 -12.22
CA ASP A 39 -3.06 2.17 -13.53
CA ASP A 39 -2.97 2.12 -13.59
C ASP A 39 -2.37 3.28 -14.33
C ASP A 39 -2.27 3.24 -14.35
N ARG A 40 -1.81 4.28 -13.65
CA ARG A 40 -1.19 5.40 -14.33
C ARG A 40 0.29 5.17 -14.62
N ARG A 41 1.01 4.42 -13.78
CA ARG A 41 2.41 4.04 -14.02
C ARG A 41 2.49 2.53 -13.99
N PRO A 42 2.07 1.86 -15.05
CA PRO A 42 2.00 0.40 -15.02
C PRO A 42 3.35 -0.26 -14.76
N GLY A 43 3.32 -1.35 -14.03
CA GLY A 43 4.51 -2.07 -13.65
C GLY A 43 5.13 -1.60 -12.36
N SER A 44 4.60 -0.54 -11.77
CA SER A 44 5.00 -0.06 -10.45
C SER A 44 3.79 -0.18 -9.54
N PHE A 45 4.04 -0.18 -8.24
CA PHE A 45 3.02 -0.56 -7.29
C PHE A 45 2.74 0.58 -6.32
N VAL A 46 1.68 0.42 -5.55
CA VAL A 46 1.26 1.45 -4.59
C VAL A 46 0.74 0.77 -3.34
N LEU A 47 1.23 1.23 -2.19
CA LEU A 47 0.68 0.90 -0.88
C LEU A 47 -0.32 1.98 -0.53
N SER A 48 -1.59 1.60 -0.42
CA SER A 48 -2.67 2.52 -0.08
C SER A 48 -3.13 2.22 1.34
N PHE A 49 -3.23 3.26 2.15
CA PHE A 49 -3.34 3.11 3.59
C PHE A 49 -4.33 4.12 4.14
N LEU A 50 -5.29 3.64 4.92
CA LEU A 50 -6.30 4.51 5.51
C LEU A 50 -5.81 4.98 6.88
N SER A 51 -5.62 6.28 7.01
CA SER A 51 -5.01 6.81 8.22
C SER A 51 -6.06 7.02 9.31
N GLN A 52 -5.56 7.28 10.53
CA GLN A 52 -6.42 7.61 11.65
C GLN A 52 -7.30 8.81 11.40
N MET A 53 -6.97 9.64 10.40
CA MET A 53 -7.74 10.83 10.11
C MET A 53 -8.68 10.65 8.93
N ASN A 54 -8.96 9.40 8.55
CA ASN A 54 -9.86 9.10 7.43
C ASN A 54 -9.33 9.72 6.14
N VAL A 55 -8.01 9.68 5.98
CA VAL A 55 -7.32 10.12 4.77
C VAL A 55 -6.58 8.92 4.22
N VAL A 56 -6.82 8.57 2.95
CA VAL A 56 -6.04 7.52 2.33
C VAL A 56 -4.72 8.10 1.83
N ASN A 57 -3.62 7.51 2.31
CA ASN A 57 -2.26 7.84 1.90
C ASN A 57 -1.78 6.82 0.89
N HIS A 58 -1.07 7.27 -0.14
CA HIS A 58 -0.62 6.38 -1.20
C HIS A 58 0.88 6.50 -1.32
N PHE A 59 1.59 5.37 -1.23
CA PHE A 59 3.04 5.35 -1.28
C PHE A 59 3.50 4.50 -2.45
N ARG A 60 4.33 5.06 -3.34
CA ARG A 60 4.84 4.27 -4.45
C ARG A 60 5.79 3.20 -3.95
N ILE A 61 5.69 2.02 -4.57
CA ILE A 61 6.63 0.93 -4.39
C ILE A 61 7.20 0.63 -5.78
N ILE A 62 8.50 0.77 -5.93
CA ILE A 62 9.16 0.52 -7.20
C ILE A 62 9.79 -0.87 -7.19
N ALA A 63 9.41 -1.68 -8.16
CA ALA A 63 9.93 -3.03 -8.29
C ALA A 63 11.13 -2.98 -9.23
N MET A 64 12.29 -3.43 -8.73
CA MET A 64 13.50 -3.49 -9.53
C MET A 64 14.29 -4.72 -9.16
N SER A 65 14.62 -5.54 -10.16
CA SER A 65 15.46 -6.73 -9.97
C SER A 65 14.88 -7.64 -8.90
N GLY A 66 13.57 -7.84 -8.96
CA GLY A 66 12.89 -8.76 -8.05
C GLY A 66 12.88 -8.31 -6.61
N ASP A 67 13.28 -7.05 -6.38
CA ASP A 67 13.19 -6.40 -5.09
C ASP A 67 12.19 -5.26 -5.17
N TYR A 68 11.90 -4.67 -4.01
CA TYR A 68 10.90 -3.61 -3.89
C TYR A 68 11.48 -2.46 -3.08
N TYR A 69 11.31 -1.24 -3.59
CA TYR A 69 11.87 -0.04 -2.98
C TYR A 69 10.74 0.90 -2.61
N ILE A 70 10.72 1.36 -1.36
CA ILE A 70 9.74 2.35 -0.93
C ILE A 70 10.48 3.42 -0.12
N GLY A 71 10.41 4.66 -0.60
CA GLY A 71 11.40 5.61 -0.14
C GLY A 71 12.76 5.17 -0.61
N GLY A 72 13.74 5.22 0.28
CA GLY A 72 15.08 4.75 -0.06
C GLY A 72 15.38 3.40 0.55
N ARG A 73 14.33 2.68 0.92
CA ARG A 73 14.44 1.42 1.64
C ARG A 73 14.20 0.26 0.70
N ARG A 74 15.04 -0.77 0.79
CA ARG A 74 14.98 -1.93 -0.09
C ARG A 74 14.39 -3.13 0.65
N PHE A 75 13.41 -3.81 0.03
CA PHE A 75 12.85 -5.06 0.53
C PHE A 75 12.89 -6.13 -0.55
N SER A 76 13.18 -7.37 -0.17
CA SER A 76 13.26 -8.44 -1.16
C SER A 76 11.91 -9.01 -1.53
N SER A 77 10.88 -8.77 -0.73
CA SER A 77 9.52 -9.21 -1.05
C SER A 77 8.51 -8.19 -0.52
N LEU A 78 7.33 -8.18 -1.12
CA LEU A 78 6.24 -7.39 -0.55
C LEU A 78 5.88 -7.88 0.85
N SER A 79 5.99 -9.20 1.09
CA SER A 79 5.79 -9.72 2.45
C SER A 79 6.72 -9.02 3.45
N ASP A 80 8.00 -8.85 3.08
CA ASP A 80 8.94 -8.21 3.99
C ASP A 80 8.60 -6.73 4.19
N LEU A 81 8.16 -6.07 3.11
CA LEU A 81 7.77 -4.67 3.20
C LEU A 81 6.59 -4.50 4.15
N ILE A 82 5.54 -5.30 3.96
CA ILE A 82 4.39 -5.22 4.85
C ILE A 82 4.80 -5.55 6.27
N GLY A 83 5.65 -6.57 6.45
CA GLY A 83 6.10 -6.89 7.79
C GLY A 83 6.79 -5.71 8.46
N TYR A 84 7.62 -5.01 7.70
CA TYR A 84 8.38 -3.90 8.26
C TYR A 84 7.46 -2.77 8.74
N TYR A 85 6.48 -2.39 7.93
CA TYR A 85 5.60 -1.30 8.29
C TYR A 85 4.42 -1.75 9.14
N SER A 86 4.30 -3.06 9.42
CA SER A 86 3.34 -3.57 10.38
C SER A 86 3.92 -3.68 11.79
N HIS A 87 5.19 -4.04 11.92
CA HIS A 87 5.76 -4.43 13.21
C HIS A 87 7.02 -3.70 13.61
N VAL A 88 7.72 -3.08 12.68
CA VAL A 88 9.05 -2.55 12.94
C VAL A 88 9.07 -1.03 12.95
N SER A 89 8.52 -0.40 11.93
CA SER A 89 8.61 1.04 11.77
C SER A 89 7.24 1.61 11.45
N SER A 90 7.00 2.82 11.95
CA SER A 90 5.82 3.57 11.59
C SER A 90 5.82 3.91 10.10
N LEU A 91 4.67 3.75 9.47
CA LEU A 91 4.48 4.22 8.11
C LEU A 91 4.16 5.72 8.08
N LEU A 92 3.29 6.15 8.99
CA LEU A 92 3.05 7.55 9.31
C LEU A 92 3.35 7.74 10.78
N LYS A 93 3.57 8.97 11.20
CA LYS A 93 3.86 9.22 12.61
C LYS A 93 2.79 8.59 13.49
N GLY A 94 3.20 7.58 14.25
CA GLY A 94 2.31 6.92 15.19
C GLY A 94 1.32 5.96 14.57
N GLU A 95 1.54 5.51 13.33
CA GLU A 95 0.59 4.66 12.63
C GLU A 95 1.33 3.56 11.89
N LYS A 96 0.89 2.31 12.08
CA LYS A 96 1.45 1.15 11.37
C LYS A 96 0.37 0.46 10.56
N LEU A 97 0.80 -0.39 9.62
CA LEU A 97 -0.14 -1.22 8.88
C LEU A 97 -0.85 -2.20 9.82
N LEU A 98 -2.18 -2.25 9.73
CA LEU A 98 -2.95 -3.09 10.65
C LEU A 98 -3.79 -4.16 9.95
N TYR A 99 -4.58 -3.80 8.97
CA TYR A 99 -5.63 -4.69 8.45
C TYR A 99 -5.52 -4.84 6.94
N PRO A 100 -5.12 -6.00 6.43
CA PRO A 100 -5.10 -6.18 4.98
C PRO A 100 -6.51 -6.22 4.44
N VAL A 101 -6.70 -5.61 3.28
CA VAL A 101 -7.99 -5.56 2.63
C VAL A 101 -7.86 -6.36 1.34
N ALA A 102 -8.71 -7.41 1.21
CA ALA A 102 -8.62 -8.26 0.05
C ALA A 102 -9.56 -7.75 -1.03
N PRO A 103 -9.26 -8.04 -2.30
CA PRO A 103 -10.19 -7.67 -3.36
C PRO A 103 -11.47 -8.45 -3.25
N PRO A 104 -12.60 -7.90 -3.70
CA PRO A 104 -13.84 -8.67 -3.70
C PRO A 104 -13.79 -9.85 -4.65
N GLU A 105 -12.84 -9.87 -5.58
CA GLU A 105 -12.54 -10.96 -6.50
C GLU A 105 -11.06 -11.30 -6.44
N PRO A 106 -10.70 -12.59 -6.40
CA PRO A 106 -9.27 -12.95 -6.36
C PRO A 106 -8.61 -12.99 -7.74
N GLU B 2 -3.71 14.49 -18.40
CA GLU B 2 -4.32 14.58 -17.07
C GLU B 2 -3.27 14.72 -15.97
N GLU B 3 -3.56 15.58 -15.00
CA GLU B 3 -2.63 15.79 -13.90
C GLU B 3 -2.48 14.49 -13.11
N GLU B 4 -1.24 14.16 -12.77
CA GLU B 4 -1.01 12.97 -11.99
C GLU B 4 -1.38 13.20 -10.54
N ASN B 5 -1.76 12.11 -9.87
CA ASN B 5 -2.01 12.18 -8.44
C ASN B 5 -0.70 12.32 -7.69
N ILE B 6 -0.80 12.80 -6.45
CA ILE B 6 0.37 13.01 -5.60
C ILE B 6 0.57 11.83 -4.68
N SER B 8 2.79 9.96 -1.39
CA SER B 8 3.47 10.29 -0.16
C SER B 8 4.69 9.40 0.02
N VAL B 9 5.50 9.76 1.01
CA VAL B 9 6.71 9.02 1.37
C VAL B 9 6.59 8.63 2.84
N PRO B 10 7.02 7.42 3.22
CA PRO B 10 6.91 7.01 4.63
C PRO B 10 7.61 7.95 5.60
N HIS B 11 7.16 7.98 6.83
CA HIS B 11 7.71 8.83 7.91
C HIS B 11 9.23 8.65 8.06
N ASP B 12 9.77 7.48 7.77
CA ASP B 12 11.20 7.19 8.01
C ASP B 12 12.07 7.50 6.80
N SER B 13 11.54 8.20 5.80
CA SER B 13 12.34 8.41 4.58
C SER B 13 12.35 9.87 4.11
#